data_4UQS
#
_entry.id   4UQS
#
_cell.length_a   80.420
_cell.length_b   94.530
_cell.length_c   63.227
_cell.angle_alpha   90.00
_cell.angle_beta   90.00
_cell.angle_gamma   90.00
#
_symmetry.space_group_name_H-M   'P 21 21 2'
#
loop_
_entity.id
_entity.type
_entity.pdbx_description
1 polymer 'NITRIC OXIDE SYNTHASE OXYGENASE'
2 non-polymer 'PROTOPORPHYRIN IX CONTAINING FE'
3 non-polymer 'CHLORIDE ION'
4 non-polymer 3-BROMO-7-NITROINDAZOLE
5 non-polymer DI(HYDROXYETHYL)ETHER
6 water water
#
_entity_poly.entity_id   1
_entity_poly.type   'polypeptide(L)'
_entity_poly.pdbx_seq_one_letter_code
;MEEKEILWNEAKAFIAACYQELGKAAEVKDRLADIKSEIDLTGSYVHTKEELEHGAKMAWRNSNRCIGRLFWNSLNVIDR
RDVRTKEEVRDALFHHIETATNNGKIRPTITIFPPEEKGEKQVEIWNHQLIRYAGYESDGERIGDPASCSLTAACEELGW
RGERTDFDLLPLIFRMKGDEQPVWYELPRSLVIEVPITHPDIEAFSDLELKWYGVPIISDMKLEVGGIHYNAAPFNGWYM
GTEIGARNLADEKRYDKLKKVASVIGIAADYNTDLWKDQALVELNKAVLHSYKKQGVSIVDHHTAASQFKRFEEQAEEAG
RKLTGDWTWLIPPISPAATHIFHRSYDNSIVKPNYFYQDKPYE
;
_entity_poly.pdbx_strand_id   A
#
# COMPACT_ATOMS: atom_id res chain seq x y z
N GLU A 2 10.19 10.28 29.63
CA GLU A 2 9.62 10.95 28.42
C GLU A 2 9.16 9.93 27.37
N GLU A 3 10.07 9.06 26.96
CA GLU A 3 9.73 7.94 26.11
C GLU A 3 8.55 7.21 26.73
N LYS A 4 8.68 6.88 28.02
CA LYS A 4 7.62 6.20 28.78
C LYS A 4 6.32 6.99 28.74
N GLU A 5 6.48 8.30 28.87
CA GLU A 5 5.35 9.21 28.98
C GLU A 5 4.60 9.36 27.66
N ILE A 6 5.30 9.52 26.55
CA ILE A 6 4.58 9.64 25.28
C ILE A 6 3.86 8.30 25.07
N LEU A 7 4.59 7.20 25.30
CA LEU A 7 4.04 5.87 25.12
C LEU A 7 2.82 5.71 26.01
N TRP A 8 2.92 6.19 27.24
CA TRP A 8 1.86 6.01 28.21
C TRP A 8 0.61 6.77 27.77
N ASN A 9 0.80 7.93 27.17
CA ASN A 9 -0.35 8.75 26.76
C ASN A 9 -1.01 8.27 25.52
N GLU A 10 -0.20 7.93 24.54
CA GLU A 10 -0.74 7.35 23.33
C GLU A 10 -1.58 6.16 23.74
N ALA A 11 -1.08 5.41 24.72
CA ALA A 11 -1.76 4.20 25.18
C ALA A 11 -3.11 4.52 25.81
N LYS A 12 -3.15 5.55 26.63
CA LYS A 12 -4.41 5.91 27.28
C LYS A 12 -5.45 6.34 26.28
N ALA A 13 -5.02 7.20 25.38
CA ALA A 13 -5.91 7.69 24.36
C ALA A 13 -6.41 6.48 23.59
N PHE A 14 -5.46 5.65 23.17
CA PHE A 14 -5.77 4.51 22.30
C PHE A 14 -6.75 3.50 22.89
N ILE A 15 -6.48 3.06 24.11
CA ILE A 15 -7.32 2.05 24.75
C ILE A 15 -8.73 2.57 24.94
N ALA A 16 -8.85 3.75 25.53
CA ALA A 16 -10.17 4.33 25.78
C ALA A 16 -11.00 4.30 24.49
N ALA A 17 -10.39 4.74 23.40
CA ALA A 17 -11.13 4.89 22.15
C ALA A 17 -11.47 3.55 21.54
N CYS A 18 -10.50 2.65 21.56
CA CYS A 18 -10.70 1.32 21.00
C CYS A 18 -11.76 0.48 21.74
N TYR A 19 -11.72 0.52 23.06
CA TYR A 19 -12.67 -0.23 23.88
C TYR A 19 -14.04 0.42 23.78
N GLN A 20 -14.08 1.73 23.70
CA GLN A 20 -15.33 2.44 23.49
C GLN A 20 -15.97 1.91 22.19
N GLU A 21 -15.19 1.94 21.12
CA GLU A 21 -15.73 1.48 19.86
C GLU A 21 -16.19 0.04 20.01
N LEU A 22 -15.42 -0.79 20.69
CA LEU A 22 -15.84 -2.19 20.79
C LEU A 22 -16.88 -2.47 21.90
N GLY A 23 -17.57 -1.47 22.44
CA GLY A 23 -18.53 -1.68 23.55
C GLY A 23 -17.94 -2.26 24.83
N LYS A 24 -16.62 -2.18 24.98
CA LYS A 24 -15.91 -2.72 26.12
C LYS A 24 -15.43 -1.61 27.05
N ALA A 25 -16.25 -0.61 27.32
CA ALA A 25 -15.77 0.56 28.05
C ALA A 25 -15.41 0.29 29.54
N ALA A 26 -16.15 -0.58 30.22
CA ALA A 26 -15.86 -0.84 31.64
C ALA A 26 -14.47 -1.47 31.87
N GLU A 27 -14.02 -2.24 30.90
CA GLU A 27 -12.76 -2.99 31.01
C GLU A 27 -11.50 -2.12 30.85
N VAL A 28 -11.68 -0.82 30.76
CA VAL A 28 -10.60 0.08 30.40
C VAL A 28 -9.72 0.36 31.62
N LYS A 29 -10.33 0.79 32.72
CA LYS A 29 -9.55 1.12 33.91
C LYS A 29 -8.53 0.05 34.21
N ASP A 30 -8.98 -1.18 34.14
CA ASP A 30 -8.21 -2.33 34.55
C ASP A 30 -7.10 -2.63 33.55
N ARG A 31 -7.45 -2.52 32.27
CA ARG A 31 -6.51 -2.78 31.21
C ARG A 31 -5.40 -1.74 31.23
N LEU A 32 -5.74 -0.52 31.63
CA LEU A 32 -4.76 0.56 31.68
C LEU A 32 -3.85 0.37 32.86
N ALA A 33 -4.46 0.03 34.00
CA ALA A 33 -3.70 -0.26 35.19
C ALA A 33 -2.62 -1.25 34.81
N ASP A 34 -3.06 -2.36 34.21
CA ASP A 34 -2.16 -3.46 33.78
C ASP A 34 -1.01 -2.93 32.93
N ILE A 35 -1.37 -2.08 31.96
CA ILE A 35 -0.39 -1.49 31.05
C ILE A 35 0.55 -0.58 31.83
N LYS A 36 0.01 0.22 32.75
CA LYS A 36 0.85 1.11 33.54
C LYS A 36 1.96 0.32 34.23
N SER A 37 1.61 -0.88 34.72
CA SER A 37 2.60 -1.73 35.36
C SER A 37 3.59 -2.22 34.33
N GLU A 38 3.09 -2.68 33.18
CA GLU A 38 3.94 -3.34 32.19
C GLU A 38 4.99 -2.38 31.66
N ILE A 39 4.61 -1.12 31.46
CA ILE A 39 5.56 -0.13 30.98
C ILE A 39 6.49 0.28 32.13
N ASP A 40 5.96 0.47 33.35
CA ASP A 40 6.82 0.60 34.55
C ASP A 40 7.95 -0.43 34.54
N LEU A 41 7.58 -1.69 34.35
CA LEU A 41 8.53 -2.76 34.47
C LEU A 41 9.35 -2.81 33.19
N THR A 42 8.71 -3.11 32.06
CA THR A 42 9.43 -3.47 30.84
C THR A 42 9.90 -2.28 30.00
N GLY A 43 9.28 -1.13 30.21
CA GLY A 43 9.52 -0.01 29.30
C GLY A 43 8.69 -0.15 28.03
N SER A 44 7.75 -1.10 28.00
CA SER A 44 6.82 -1.21 26.89
C SER A 44 5.55 -1.99 27.25
N TYR A 45 4.71 -2.26 26.26
CA TYR A 45 3.54 -3.12 26.50
C TYR A 45 3.06 -3.81 25.24
N VAL A 46 2.33 -4.89 25.42
CA VAL A 46 1.99 -5.78 24.35
C VAL A 46 0.48 -5.70 24.12
N HIS A 47 0.09 -5.62 22.85
CA HIS A 47 -1.32 -5.56 22.47
C HIS A 47 -1.99 -6.92 22.56
N THR A 48 -3.26 -6.92 22.93
CA THR A 48 -4.07 -8.09 22.81
C THR A 48 -4.34 -8.27 21.33
N LYS A 49 -4.74 -9.48 20.96
CA LYS A 49 -5.19 -9.76 19.61
C LYS A 49 -6.30 -8.81 19.16
N GLU A 50 -7.20 -8.50 20.07
CA GLU A 50 -8.33 -7.69 19.73
C GLU A 50 -7.90 -6.24 19.48
N GLU A 51 -7.10 -5.72 20.41
CA GLU A 51 -6.53 -4.41 20.26
C GLU A 51 -5.76 -4.28 18.98
N LEU A 52 -5.04 -5.31 18.57
CA LEU A 52 -4.19 -5.16 17.42
C LEU A 52 -5.00 -5.21 16.11
N GLU A 53 -5.92 -6.14 16.01
CA GLU A 53 -6.82 -6.17 14.88
C GLU A 53 -7.48 -4.79 14.67
N HIS A 54 -8.03 -4.26 15.74
CA HIS A 54 -8.81 -3.06 15.64
C HIS A 54 -7.99 -1.80 15.44
N GLY A 55 -6.83 -1.72 16.08
CA GLY A 55 -5.83 -0.68 15.78
C GLY A 55 -5.49 -0.54 14.30
N ALA A 56 -5.33 -1.65 13.63
CA ALA A 56 -4.92 -1.69 12.24
C ALA A 56 -6.02 -1.17 11.34
N LYS A 57 -7.24 -1.50 11.80
CA LYS A 57 -8.47 -1.01 11.18
C LYS A 57 -8.62 0.45 11.34
N MET A 58 -8.36 0.97 12.53
CA MET A 58 -8.38 2.39 12.78
C MET A 58 -7.32 3.11 11.93
N ALA A 59 -6.11 2.57 11.89
CA ALA A 59 -5.07 3.17 11.12
C ALA A 59 -5.46 3.32 9.67
N TRP A 60 -6.06 2.32 9.05
CA TRP A 60 -6.56 2.49 7.68
C TRP A 60 -7.63 3.61 7.68
N ARG A 61 -8.51 3.63 8.68
CA ARG A 61 -9.63 4.56 8.68
C ARG A 61 -9.13 5.98 8.76
N ASN A 62 -7.97 6.21 9.41
CA ASN A 62 -7.45 7.56 9.57
C ASN A 62 -6.46 7.88 8.48
N SER A 63 -6.35 7.04 7.45
CA SER A 63 -5.39 7.34 6.37
C SER A 63 -5.99 8.37 5.42
N ASN A 64 -5.66 9.62 5.71
CA ASN A 64 -6.18 10.77 4.99
C ASN A 64 -6.03 10.64 3.46
N ARG A 65 -4.95 10.04 2.98
CA ARG A 65 -4.73 9.95 1.55
C ARG A 65 -5.44 8.78 0.84
N CYS A 66 -6.13 7.88 1.57
CA CYS A 66 -6.85 6.72 0.96
C CYS A 66 -8.36 6.96 0.67
N ILE A 67 -8.70 6.79 -0.62
CA ILE A 67 -10.01 6.94 -1.11
C ILE A 67 -10.87 5.68 -0.80
N GLY A 68 -10.22 4.59 -0.45
CA GLY A 68 -10.96 3.34 -0.37
C GLY A 68 -11.19 2.92 1.04
N ARG A 69 -11.03 3.85 1.94
CA ARG A 69 -11.41 3.59 3.32
C ARG A 69 -12.87 3.15 3.62
N LEU A 70 -13.77 2.89 2.65
CA LEU A 70 -15.18 2.50 3.08
C LEU A 70 -15.06 1.13 3.78
N PHE A 71 -13.97 0.40 3.40
CA PHE A 71 -13.91 -0.99 3.74
C PHE A 71 -13.00 -1.28 4.87
N TRP A 72 -12.77 -0.27 5.69
CA TRP A 72 -11.75 -0.33 6.75
C TRP A 72 -12.03 -1.44 7.72
N ASN A 73 -13.30 -1.66 8.04
CA ASN A 73 -13.66 -2.57 9.08
C ASN A 73 -13.52 -4.03 8.64
N SER A 74 -13.49 -4.29 7.35
CA SER A 74 -13.29 -5.66 6.94
C SER A 74 -11.78 -6.05 6.68
N LEU A 75 -10.84 -5.18 7.04
CA LEU A 75 -9.42 -5.56 6.90
C LEU A 75 -9.11 -6.90 7.56
N ASN A 76 -8.49 -7.78 6.78
CA ASN A 76 -7.98 -9.06 7.27
C ASN A 76 -6.65 -8.88 8.00
N VAL A 77 -6.59 -9.08 9.31
CA VAL A 77 -5.37 -8.81 10.09
C VAL A 77 -4.60 -10.08 10.47
N ILE A 78 -3.33 -10.18 10.09
CA ILE A 78 -2.59 -11.43 10.37
C ILE A 78 -1.50 -11.07 11.32
N ASP A 79 -1.53 -11.73 12.48
CA ASP A 79 -0.70 -11.36 13.60
C ASP A 79 0.53 -12.25 13.60
N ARG A 80 1.65 -11.77 13.11
CA ARG A 80 2.87 -12.57 13.13
C ARG A 80 3.93 -11.98 14.03
N ARG A 81 3.52 -11.58 15.24
CA ARG A 81 4.47 -11.06 16.25
C ARG A 81 5.41 -12.13 16.80
N ASP A 82 5.10 -13.40 16.52
CA ASP A 82 5.93 -14.49 16.92
C ASP A 82 7.20 -14.72 16.08
N VAL A 83 7.25 -14.23 14.84
CA VAL A 83 8.34 -14.67 13.94
C VAL A 83 9.66 -14.23 14.54
N ARG A 84 10.65 -15.11 14.53
CA ARG A 84 11.99 -14.81 15.00
C ARG A 84 13.05 -15.02 13.92
N THR A 85 12.73 -15.76 12.87
CA THR A 85 13.74 -16.12 11.90
C THR A 85 13.41 -15.58 10.53
N LYS A 86 14.44 -15.52 9.71
CA LYS A 86 14.23 -14.94 8.39
C LYS A 86 13.41 -15.87 7.51
N GLU A 87 13.50 -17.16 7.79
CA GLU A 87 12.73 -18.09 7.04
C GLU A 87 11.26 -17.82 7.36
N GLU A 88 10.94 -17.51 8.62
CA GLU A 88 9.53 -17.26 8.96
C GLU A 88 9.01 -15.98 8.38
N VAL A 89 9.89 -15.00 8.24
CA VAL A 89 9.50 -13.74 7.67
C VAL A 89 9.22 -13.99 6.21
N ARG A 90 10.15 -14.60 5.52
CA ARG A 90 9.95 -14.85 4.09
C ARG A 90 8.65 -15.60 3.88
N ASP A 91 8.46 -16.61 4.71
CA ASP A 91 7.32 -17.46 4.55
C ASP A 91 6.03 -16.71 4.88
N ALA A 92 6.06 -15.77 5.83
CA ALA A 92 4.88 -14.89 6.17
C ALA A 92 4.54 -13.98 5.03
N LEU A 93 5.57 -13.51 4.37
CA LEU A 93 5.43 -12.71 3.21
C LEU A 93 4.81 -13.46 2.03
N PHE A 94 5.33 -14.61 1.72
CA PHE A 94 4.78 -15.50 0.70
C PHE A 94 3.30 -15.78 1.01
N HIS A 95 2.98 -15.99 2.27
CA HIS A 95 1.65 -16.39 2.62
C HIS A 95 0.67 -15.23 2.34
N HIS A 96 1.10 -14.04 2.78
CA HIS A 96 0.31 -12.82 2.63
C HIS A 96 0.00 -12.57 1.17
N ILE A 97 1.03 -12.68 0.32
CA ILE A 97 0.80 -12.58 -1.11
C ILE A 97 -0.30 -13.51 -1.60
N GLU A 98 -0.24 -14.78 -1.15
CA GLU A 98 -1.14 -15.83 -1.59
C GLU A 98 -2.58 -15.61 -1.07
N THR A 99 -2.69 -15.26 0.21
CA THR A 99 -3.98 -15.14 0.88
C THR A 99 -4.68 -13.84 0.51
N ALA A 100 -3.88 -12.78 0.32
CA ALA A 100 -4.41 -11.52 -0.19
C ALA A 100 -4.84 -11.66 -1.65
N THR A 101 -4.08 -12.37 -2.47
CA THR A 101 -4.45 -12.55 -3.89
C THR A 101 -5.71 -13.36 -4.09
N ASN A 102 -5.83 -14.47 -3.36
CA ASN A 102 -7.03 -15.27 -3.33
C ASN A 102 -7.53 -15.54 -4.73
N ASN A 103 -6.62 -15.92 -5.62
CA ASN A 103 -7.01 -16.32 -6.98
C ASN A 103 -7.59 -15.18 -7.77
N GLY A 104 -7.32 -13.97 -7.31
CA GLY A 104 -7.76 -12.75 -7.96
C GLY A 104 -8.92 -12.04 -7.26
N LYS A 105 -9.62 -12.71 -6.33
CA LYS A 105 -10.66 -12.05 -5.56
C LYS A 105 -10.03 -11.43 -4.29
N ILE A 106 -9.41 -10.26 -4.47
CA ILE A 106 -8.42 -9.77 -3.52
C ILE A 106 -9.00 -9.39 -2.17
N ARG A 107 -8.32 -9.86 -1.12
CA ARG A 107 -8.69 -9.58 0.27
C ARG A 107 -7.74 -8.56 0.83
N PRO A 108 -8.29 -7.46 1.34
CA PRO A 108 -7.49 -6.49 2.05
C PRO A 108 -6.89 -7.13 3.26
N THR A 109 -5.57 -7.19 3.32
CA THR A 109 -4.85 -7.94 4.31
C THR A 109 -3.66 -7.15 4.85
N ILE A 110 -3.36 -7.34 6.13
CA ILE A 110 -2.15 -6.79 6.73
C ILE A 110 -1.45 -7.81 7.59
N THR A 111 -0.18 -8.09 7.31
CA THR A 111 0.64 -8.95 8.17
C THR A 111 1.47 -8.08 9.11
N ILE A 112 1.28 -8.23 10.42
CA ILE A 112 1.98 -7.40 11.42
C ILE A 112 3.12 -8.17 12.11
N PHE A 113 4.36 -7.75 11.87
CA PHE A 113 5.53 -8.41 12.46
C PHE A 113 5.82 -7.75 13.83
N PRO A 114 6.89 -8.21 14.52
CA PRO A 114 7.19 -7.66 15.86
C PRO A 114 7.50 -6.17 15.82
N PRO A 115 7.05 -5.39 16.85
CA PRO A 115 7.33 -3.94 16.90
C PRO A 115 8.78 -3.57 17.15
N GLU A 116 9.04 -2.27 17.20
CA GLU A 116 10.34 -1.77 17.57
C GLU A 116 10.48 -1.91 19.06
N GLU A 117 11.70 -2.09 19.53
CA GLU A 117 11.94 -2.23 20.96
C GLU A 117 12.20 -0.89 21.67
N LYS A 118 13.47 -0.46 21.72
CA LYS A 118 13.77 0.90 22.15
C LYS A 118 13.92 1.72 20.87
N GLY A 119 12.89 1.66 20.03
CA GLY A 119 13.04 2.06 18.64
C GLY A 119 14.06 1.22 17.87
N GLU A 120 14.41 0.05 18.39
CA GLU A 120 15.28 -0.89 17.70
C GLU A 120 14.40 -1.82 16.88
N LYS A 121 14.65 -1.87 15.57
CA LYS A 121 13.83 -2.66 14.67
C LYS A 121 14.17 -4.11 14.76
N GLN A 122 13.14 -4.95 14.81
CA GLN A 122 13.31 -6.40 14.82
C GLN A 122 13.49 -6.88 13.39
N VAL A 123 12.69 -6.31 12.48
CA VAL A 123 12.72 -6.59 11.06
C VAL A 123 12.65 -5.27 10.32
N GLU A 124 13.35 -5.17 9.22
CA GLU A 124 13.35 -3.96 8.42
C GLU A 124 13.14 -4.42 6.98
N ILE A 125 11.92 -4.21 6.48
CA ILE A 125 11.63 -4.56 5.10
C ILE A 125 12.07 -3.47 4.16
N TRP A 126 12.80 -3.83 3.12
CA TRP A 126 13.33 -2.81 2.22
C TRP A 126 12.40 -2.61 1.05
N ASN A 127 11.65 -3.62 0.66
CA ASN A 127 10.82 -3.35 -0.52
C ASN A 127 9.83 -2.18 -0.22
N HIS A 128 9.43 -1.50 -1.30
CA HIS A 128 8.47 -0.47 -1.16
C HIS A 128 7.10 -1.14 -1.20
N GLN A 129 6.90 -1.98 -2.23
CA GLN A 129 5.85 -2.97 -2.33
C GLN A 129 6.45 -4.33 -2.46
N LEU A 130 5.75 -5.32 -1.92
CA LEU A 130 6.17 -6.67 -2.01
C LEU A 130 6.35 -7.18 -3.43
N ILE A 131 5.35 -6.86 -4.24
CA ILE A 131 5.44 -7.04 -5.67
C ILE A 131 5.71 -5.74 -6.40
N ARG A 132 6.90 -5.65 -7.04
CA ARG A 132 7.29 -4.51 -7.80
C ARG A 132 8.42 -4.80 -8.83
N TYR A 133 8.48 -4.01 -9.90
CA TYR A 133 9.34 -4.27 -11.01
C TYR A 133 10.61 -3.48 -10.86
N ALA A 134 11.71 -4.13 -11.25
CA ALA A 134 13.05 -3.54 -11.20
C ALA A 134 13.17 -2.40 -12.15
N GLY A 135 14.07 -1.44 -11.84
CA GLY A 135 14.35 -0.32 -12.73
C GLY A 135 15.86 -0.28 -12.99
N TYR A 136 16.26 -0.14 -14.25
CA TYR A 136 17.69 0.06 -14.59
C TYR A 136 17.88 1.41 -15.38
N GLU A 137 19.14 1.81 -15.59
CA GLU A 137 19.50 3.06 -16.25
C GLU A 137 20.97 2.92 -16.42
N SER A 138 21.37 2.57 -17.64
CA SER A 138 22.76 2.26 -17.92
C SER A 138 23.29 3.14 -19.03
N ASP A 139 23.55 4.40 -18.71
CA ASP A 139 24.08 5.36 -19.72
C ASP A 139 22.98 5.80 -20.66
N GLY A 140 21.83 6.18 -20.09
CA GLY A 140 20.73 6.69 -20.90
C GLY A 140 19.98 5.62 -21.69
N GLU A 141 20.24 4.36 -21.37
CA GLU A 141 19.30 3.32 -21.75
C GLU A 141 18.40 3.02 -20.52
N ARG A 142 17.22 3.61 -20.48
CA ARG A 142 16.24 3.29 -19.38
C ARG A 142 15.58 1.90 -19.55
N ILE A 143 15.59 1.08 -18.50
CA ILE A 143 14.80 -0.20 -18.47
C ILE A 143 13.83 -0.34 -17.25
N GLY A 144 12.72 -1.00 -17.48
CA GLY A 144 11.70 -1.18 -16.40
C GLY A 144 11.21 0.08 -15.66
N ASP A 145 11.10 0.02 -14.33
CA ASP A 145 10.49 1.06 -13.58
C ASP A 145 11.42 2.00 -12.87
N PRO A 146 11.65 3.22 -13.40
CA PRO A 146 12.59 4.15 -12.75
C PRO A 146 12.46 4.31 -11.24
N ALA A 147 11.26 4.14 -10.73
CA ALA A 147 11.01 4.44 -9.36
C ALA A 147 11.79 3.49 -8.57
N SER A 148 11.96 2.28 -9.08
CA SER A 148 12.71 1.21 -8.37
C SER A 148 14.24 1.27 -8.67
N CYS A 149 14.76 2.31 -9.30
CA CYS A 149 16.25 2.27 -9.66
C CYS A 149 17.11 2.04 -8.49
N SER A 150 16.96 2.84 -7.43
CA SER A 150 17.87 2.72 -6.27
C SER A 150 17.77 1.39 -5.52
N LEU A 151 16.55 0.93 -5.22
CA LEU A 151 16.40 -0.38 -4.61
C LEU A 151 17.05 -1.45 -5.42
N THR A 152 16.78 -1.44 -6.74
CA THR A 152 17.30 -2.43 -7.70
C THR A 152 18.83 -2.50 -7.71
N ALA A 153 19.49 -1.37 -7.75
CA ALA A 153 20.96 -1.38 -7.63
C ALA A 153 21.38 -1.83 -6.22
N ALA A 154 20.52 -1.70 -5.21
CA ALA A 154 20.87 -2.29 -3.91
C ALA A 154 20.81 -3.81 -3.98
N CYS A 155 19.72 -4.38 -4.51
CA CYS A 155 19.73 -5.81 -4.65
C CYS A 155 20.97 -6.30 -5.42
N GLU A 156 21.39 -5.58 -6.44
CA GLU A 156 22.32 -6.08 -7.37
C GLU A 156 23.65 -6.09 -6.70
N GLU A 157 23.98 -5.06 -5.92
CA GLU A 157 25.03 -5.10 -4.90
C GLU A 157 25.15 -6.45 -4.26
N LEU A 158 24.00 -6.88 -3.75
CA LEU A 158 23.94 -7.96 -2.80
C LEU A 158 23.96 -9.34 -3.47
N GLY A 159 24.01 -9.44 -4.78
CA GLY A 159 23.99 -10.73 -5.38
C GLY A 159 22.94 -10.99 -6.39
N TRP A 160 21.71 -10.41 -6.22
CA TRP A 160 20.66 -10.56 -7.17
C TRP A 160 21.09 -10.07 -8.52
N ARG A 161 20.50 -10.63 -9.57
CA ARG A 161 20.76 -10.15 -10.92
C ARG A 161 19.41 -10.20 -11.63
N GLY A 162 18.89 -9.05 -12.06
CA GLY A 162 17.74 -9.07 -12.92
C GLY A 162 18.00 -9.48 -14.34
N GLU A 163 16.99 -10.04 -14.99
CA GLU A 163 17.05 -10.35 -16.43
C GLU A 163 17.02 -9.12 -17.33
N ARG A 164 16.83 -7.93 -16.73
CA ARG A 164 16.73 -6.68 -17.49
C ARG A 164 15.60 -6.66 -18.50
N THR A 165 14.54 -7.36 -18.22
CA THR A 165 13.27 -7.11 -18.91
C THR A 165 12.68 -5.78 -18.39
N ASP A 166 11.66 -5.23 -19.02
CA ASP A 166 11.01 -4.07 -18.42
C ASP A 166 10.13 -4.39 -17.22
N PHE A 167 9.78 -5.66 -17.04
CA PHE A 167 9.03 -6.09 -15.84
C PHE A 167 9.73 -7.19 -15.05
N ASP A 168 11.03 -7.05 -14.72
CA ASP A 168 11.69 -7.98 -13.78
C ASP A 168 11.05 -7.75 -12.40
N LEU A 169 10.60 -8.87 -11.83
CA LEU A 169 10.24 -8.97 -10.41
C LEU A 169 11.40 -8.88 -9.49
N LEU A 170 11.30 -7.86 -8.63
CA LEU A 170 12.23 -7.64 -7.56
C LEU A 170 12.09 -8.72 -6.57
N PRO A 171 13.19 -9.10 -5.95
CA PRO A 171 13.00 -10.07 -4.90
C PRO A 171 12.51 -9.40 -3.62
N LEU A 172 12.01 -10.20 -2.69
CA LEU A 172 11.85 -9.76 -1.34
C LEU A 172 13.18 -9.54 -0.76
N ILE A 173 13.32 -8.48 0.01
CA ILE A 173 14.56 -8.21 0.60
C ILE A 173 14.30 -7.49 1.89
N PHE A 174 14.84 -8.02 2.98
CA PHE A 174 14.66 -7.44 4.31
C PHE A 174 15.83 -7.78 5.17
N ARG A 175 15.88 -7.10 6.31
CA ARG A 175 16.91 -7.32 7.31
C ARG A 175 16.36 -7.57 8.70
N MET A 176 17.05 -8.48 9.37
CA MET A 176 16.74 -8.96 10.71
C MET A 176 17.66 -8.30 11.74
N LYS A 177 17.10 -7.96 12.90
CA LYS A 177 17.89 -7.33 13.97
C LYS A 177 19.14 -8.14 14.21
N GLY A 178 20.29 -7.49 14.21
CA GLY A 178 21.51 -8.20 14.46
C GLY A 178 22.28 -8.51 13.21
N ASP A 179 21.62 -8.57 12.06
CA ASP A 179 22.35 -8.74 10.80
C ASP A 179 22.73 -7.40 10.25
N GLU A 180 23.97 -7.29 9.79
CA GLU A 180 24.42 -6.08 9.16
C GLU A 180 24.00 -5.97 7.69
N GLN A 181 23.65 -7.10 7.06
CA GLN A 181 23.10 -7.11 5.70
C GLN A 181 21.69 -7.69 5.70
N PRO A 182 20.84 -7.23 4.76
CA PRO A 182 19.57 -7.93 4.53
C PRO A 182 19.81 -9.18 3.66
N VAL A 183 18.79 -10.03 3.60
CA VAL A 183 18.81 -11.14 2.68
C VAL A 183 17.85 -10.84 1.54
N TRP A 184 17.98 -11.57 0.42
CA TRP A 184 16.87 -11.48 -0.57
C TRP A 184 16.49 -12.86 -1.00
N TYR A 185 15.29 -13.00 -1.54
CA TYR A 185 14.71 -14.26 -1.92
C TYR A 185 13.85 -14.02 -3.16
N GLU A 186 14.09 -14.80 -4.20
CA GLU A 186 13.47 -14.56 -5.47
C GLU A 186 11.97 -14.80 -5.28
N LEU A 187 11.16 -14.00 -5.96
CA LEU A 187 9.73 -14.21 -5.80
C LEU A 187 9.21 -15.44 -6.63
N PRO A 188 8.58 -16.43 -5.97
CA PRO A 188 8.05 -17.52 -6.80
C PRO A 188 6.92 -17.04 -7.72
N ARG A 189 6.89 -17.53 -8.94
CA ARG A 189 6.16 -16.87 -10.01
C ARG A 189 4.72 -17.29 -9.95
N SER A 190 4.53 -18.53 -9.53
CA SER A 190 3.24 -19.02 -9.16
C SER A 190 2.56 -18.14 -8.13
N LEU A 191 3.29 -17.32 -7.38
CA LEU A 191 2.62 -16.48 -6.34
C LEU A 191 2.00 -15.17 -6.85
N VAL A 192 2.60 -14.64 -7.93
CA VAL A 192 2.38 -13.32 -8.43
C VAL A 192 1.44 -13.44 -9.60
N ILE A 193 0.20 -12.98 -9.41
CA ILE A 193 -0.69 -12.81 -10.52
C ILE A 193 -0.30 -11.53 -11.26
N GLU A 194 -0.36 -11.59 -12.58
CA GLU A 194 -0.07 -10.47 -13.44
C GLU A 194 -1.13 -10.40 -14.51
N VAL A 195 -1.41 -9.19 -15.00
CA VAL A 195 -2.40 -9.00 -16.05
C VAL A 195 -1.85 -8.33 -17.32
N PRO A 196 -2.03 -8.96 -18.49
CA PRO A 196 -1.72 -8.23 -19.73
C PRO A 196 -2.74 -7.19 -20.06
N ILE A 197 -2.29 -6.07 -20.65
CA ILE A 197 -3.24 -5.01 -20.90
C ILE A 197 -3.67 -5.10 -22.35
N THR A 198 -4.97 -5.23 -22.48
CA THR A 198 -5.61 -5.25 -23.76
C THR A 198 -6.81 -4.30 -23.70
N HIS A 199 -7.16 -3.75 -24.87
CA HIS A 199 -8.25 -2.81 -24.99
C HIS A 199 -9.51 -3.55 -25.41
N PRO A 200 -10.71 -3.07 -25.00
CA PRO A 200 -11.87 -3.87 -25.42
C PRO A 200 -12.20 -3.82 -26.91
N ASP A 201 -11.66 -2.83 -27.61
CA ASP A 201 -12.05 -2.49 -28.97
C ASP A 201 -10.91 -2.54 -29.94
N ILE A 202 -9.69 -2.26 -29.48
CA ILE A 202 -8.55 -1.90 -30.38
C ILE A 202 -7.49 -2.94 -30.24
N GLU A 203 -7.43 -3.86 -31.18
CA GLU A 203 -6.62 -5.08 -30.99
C GLU A 203 -5.13 -4.81 -31.08
N ALA A 204 -4.75 -3.82 -31.86
CA ALA A 204 -3.37 -3.49 -31.97
C ALA A 204 -2.87 -3.10 -30.57
N PHE A 205 -3.80 -2.93 -29.60
CA PHE A 205 -3.36 -2.47 -28.28
C PHE A 205 -2.38 -3.43 -27.60
N SER A 206 -2.54 -4.73 -27.87
CA SER A 206 -1.62 -5.75 -27.34
C SER A 206 -0.20 -5.58 -27.83
N ASP A 207 -0.03 -4.85 -28.92
CA ASP A 207 1.30 -4.66 -29.51
C ASP A 207 2.21 -3.93 -28.56
N LEU A 208 1.59 -3.24 -27.59
CA LEU A 208 2.37 -2.51 -26.62
C LEU A 208 3.04 -3.39 -25.61
N GLU A 209 2.43 -4.54 -25.33
CA GLU A 209 2.98 -5.54 -24.43
C GLU A 209 3.10 -4.96 -23.02
N LEU A 210 2.05 -4.27 -22.62
CA LEU A 210 1.93 -3.84 -21.24
C LEU A 210 1.33 -4.99 -20.39
N LYS A 211 1.81 -5.03 -19.16
CA LYS A 211 1.23 -5.83 -18.14
C LYS A 211 1.51 -5.15 -16.82
N TRP A 212 0.78 -5.57 -15.78
CA TRP A 212 0.99 -5.08 -14.44
C TRP A 212 0.66 -6.21 -13.49
N TYR A 213 1.11 -6.08 -12.24
CA TYR A 213 0.84 -7.05 -11.23
C TYR A 213 -0.62 -6.81 -10.63
N GLY A 214 -1.20 -7.82 -10.09
CA GLY A 214 -2.58 -7.76 -9.56
C GLY A 214 -2.68 -6.99 -8.26
N VAL A 215 -1.82 -7.27 -7.32
CA VAL A 215 -1.96 -6.71 -5.96
C VAL A 215 -0.86 -5.79 -5.45
N PRO A 216 -1.22 -4.55 -5.11
CA PRO A 216 -0.34 -3.58 -4.45
C PRO A 216 -0.29 -3.77 -2.90
N ILE A 217 0.93 -4.01 -2.42
CA ILE A 217 1.21 -4.35 -1.05
C ILE A 217 2.33 -3.51 -0.59
N ILE A 218 1.93 -2.45 0.09
CA ILE A 218 2.82 -1.44 0.67
C ILE A 218 3.55 -2.05 1.82
N SER A 219 4.84 -2.14 1.66
CA SER A 219 5.66 -2.86 2.60
C SER A 219 6.71 -2.01 3.34
N ASP A 220 6.70 -0.69 3.23
CA ASP A 220 7.70 0.11 3.90
C ASP A 220 7.21 1.24 4.79
N MET A 221 5.91 1.28 5.07
CA MET A 221 5.36 2.20 6.02
C MET A 221 5.27 1.53 7.41
N LYS A 222 5.40 2.36 8.45
CA LYS A 222 5.22 1.99 9.84
C LYS A 222 3.76 2.12 10.25
N LEU A 223 3.28 1.19 11.03
CA LEU A 223 1.97 1.31 11.66
C LEU A 223 2.19 1.70 13.11
N GLU A 224 1.58 2.80 13.54
CA GLU A 224 1.59 3.16 14.94
C GLU A 224 0.22 2.95 15.58
N VAL A 225 0.21 2.28 16.76
CA VAL A 225 -0.98 1.97 17.51
C VAL A 225 -0.69 2.08 18.99
N GLY A 226 -1.40 2.96 19.67
CA GLY A 226 -1.17 3.23 21.11
C GLY A 226 0.29 3.31 21.51
N GLY A 227 1.06 4.07 20.76
CA GLY A 227 2.43 4.31 21.09
C GLY A 227 3.38 3.22 20.64
N ILE A 228 2.83 2.14 20.07
CA ILE A 228 3.62 1.02 19.55
C ILE A 228 3.85 1.15 18.06
N HIS A 229 5.10 0.99 17.70
CA HIS A 229 5.60 1.26 16.38
C HIS A 229 5.89 -0.01 15.65
N TYR A 230 4.97 -0.44 14.81
CA TYR A 230 5.16 -1.64 14.05
C TYR A 230 5.76 -1.23 12.72
N ASN A 231 7.09 -1.16 12.67
CA ASN A 231 7.72 -0.66 11.46
C ASN A 231 7.54 -1.56 10.24
N ALA A 232 7.14 -2.79 10.47
CA ALA A 232 7.03 -3.81 9.45
C ALA A 232 5.67 -4.45 9.68
N ALA A 233 4.77 -4.12 8.77
CA ALA A 233 3.36 -4.40 8.85
C ALA A 233 2.81 -4.10 7.46
N PRO A 234 3.29 -4.87 6.47
CA PRO A 234 2.84 -4.68 5.10
C PRO A 234 1.35 -4.91 4.92
N PHE A 235 0.75 -4.12 4.05
CA PHE A 235 -0.72 -4.10 3.91
C PHE A 235 -1.13 -3.97 2.43
N ASN A 236 -2.33 -4.48 2.13
CA ASN A 236 -2.84 -4.33 0.81
C ASN A 236 -4.37 -4.09 0.70
N GLY A 237 -4.74 -3.56 -0.46
CA GLY A 237 -6.11 -3.54 -0.92
C GLY A 237 -6.00 -4.12 -2.31
N TRP A 238 -6.95 -3.68 -3.12
CA TRP A 238 -6.89 -3.81 -4.56
C TRP A 238 -6.62 -2.48 -5.18
N TYR A 239 -6.42 -2.47 -6.50
CA TYR A 239 -6.06 -1.25 -7.25
C TYR A 239 -7.37 -0.54 -7.68
N MET A 240 -7.35 0.81 -7.60
CA MET A 240 -8.05 1.75 -8.44
C MET A 240 -7.27 1.88 -9.72
N GLY A 241 -7.99 1.66 -10.82
CA GLY A 241 -7.39 1.66 -12.17
C GLY A 241 -6.46 2.81 -12.51
N THR A 242 -6.89 4.01 -12.14
CA THR A 242 -6.11 5.21 -12.40
C THR A 242 -4.65 5.16 -11.91
N GLU A 243 -4.35 4.36 -10.92
CA GLU A 243 -2.99 4.29 -10.39
C GLU A 243 -2.05 3.55 -11.30
N ILE A 244 -2.61 2.58 -12.01
CA ILE A 244 -1.91 1.86 -13.02
C ILE A 244 -1.85 2.66 -14.33
N GLY A 245 -3.05 3.00 -14.77
CA GLY A 245 -3.30 3.60 -16.10
C GLY A 245 -2.91 5.05 -16.16
N ALA A 246 -2.75 5.70 -15.01
CA ALA A 246 -2.53 7.15 -15.03
C ALA A 246 -1.28 7.58 -14.36
N ARG A 247 -0.70 6.72 -13.54
CA ARG A 247 0.49 7.05 -12.89
C ARG A 247 1.64 6.14 -13.30
N ASN A 248 1.49 4.85 -12.95
CA ASN A 248 2.47 3.87 -13.20
C ASN A 248 2.86 3.72 -14.62
N LEU A 249 1.83 3.67 -15.47
CA LEU A 249 2.07 3.59 -16.92
C LEU A 249 2.28 4.88 -17.69
N ALA A 250 1.73 5.95 -17.14
CA ALA A 250 1.76 7.26 -17.79
C ALA A 250 2.80 8.27 -17.36
N ASP A 251 3.23 8.34 -16.12
CA ASP A 251 4.00 9.44 -15.70
C ASP A 251 5.37 9.36 -16.52
N GLU A 252 6.01 10.49 -16.66
CA GLU A 252 7.23 10.57 -17.49
C GLU A 252 8.31 9.84 -16.79
N LYS A 253 8.49 10.14 -15.50
CA LYS A 253 9.29 9.42 -14.49
C LYS A 253 8.99 7.94 -14.14
N ARG A 254 7.96 7.36 -14.71
CA ARG A 254 7.72 5.95 -14.55
C ARG A 254 7.70 5.42 -15.96
N TYR A 255 6.72 4.64 -16.36
CA TYR A 255 6.76 4.00 -17.68
C TYR A 255 6.56 4.85 -18.93
N ASP A 256 5.88 6.00 -18.85
CA ASP A 256 5.96 7.00 -19.92
C ASP A 256 5.42 6.46 -21.26
N LYS A 257 4.20 5.95 -21.17
CA LYS A 257 3.63 5.22 -22.31
C LYS A 257 2.71 6.01 -23.23
N LEU A 258 2.52 7.29 -22.98
CA LEU A 258 1.38 7.88 -23.67
C LEU A 258 1.53 8.04 -25.20
N LYS A 259 2.77 8.37 -25.63
CA LYS A 259 3.09 8.50 -27.05
C LYS A 259 2.80 7.22 -27.75
N LYS A 260 3.23 6.14 -27.14
CA LYS A 260 3.04 4.83 -27.72
C LYS A 260 1.59 4.51 -27.68
N VAL A 261 0.95 4.82 -26.58
CA VAL A 261 -0.51 4.59 -26.57
C VAL A 261 -1.10 5.27 -27.77
N ALA A 262 -0.64 6.50 -28.00
CA ALA A 262 -1.22 7.38 -28.99
C ALA A 262 -1.05 6.85 -30.38
N SER A 263 0.20 6.43 -30.65
CA SER A 263 0.52 5.88 -31.90
C SER A 263 -0.35 4.67 -32.17
N VAL A 264 -0.41 3.74 -31.24
CA VAL A 264 -1.22 2.55 -31.50
C VAL A 264 -2.71 2.74 -31.47
N ILE A 265 -3.21 3.84 -30.93
CA ILE A 265 -4.68 4.05 -31.05
C ILE A 265 -5.01 4.89 -32.29
N GLY A 266 -3.98 5.14 -33.10
CA GLY A 266 -4.19 5.85 -34.37
C GLY A 266 -4.47 7.36 -34.32
N ILE A 267 -4.13 8.03 -33.21
CA ILE A 267 -4.04 9.49 -33.15
C ILE A 267 -2.59 10.04 -33.11
N ALA A 268 -2.44 11.25 -33.64
CA ALA A 268 -1.19 11.97 -33.73
C ALA A 268 -0.83 12.59 -32.38
N ALA A 269 0.48 12.59 -32.06
CA ALA A 269 0.98 13.14 -30.81
C ALA A 269 1.79 14.40 -31.03
N ASP A 270 1.34 15.28 -31.91
CA ASP A 270 2.14 16.48 -32.25
C ASP A 270 1.62 17.80 -31.64
N TYR A 271 0.31 17.91 -31.32
CA TYR A 271 -0.24 19.21 -30.93
C TYR A 271 -1.04 19.10 -29.68
N ASN A 272 -0.68 19.95 -28.70
CA ASN A 272 -1.29 19.94 -27.39
C ASN A 272 -2.79 20.14 -27.53
N THR A 273 -3.21 20.85 -28.55
CA THR A 273 -4.56 21.23 -28.70
C THR A 273 -5.38 20.06 -29.26
N ASP A 274 -4.72 18.97 -29.67
CA ASP A 274 -5.46 17.73 -29.97
C ASP A 274 -5.91 16.90 -28.75
N LEU A 275 -5.33 17.22 -27.58
CA LEU A 275 -5.58 16.56 -26.35
C LEU A 275 -5.26 15.07 -26.49
N TRP A 276 -4.15 14.80 -27.16
CA TRP A 276 -3.73 13.49 -27.32
C TRP A 276 -3.25 12.84 -26.05
N LYS A 277 -2.71 13.59 -25.06
CA LYS A 277 -2.40 12.89 -23.76
C LYS A 277 -3.72 12.49 -23.03
N ASP A 278 -4.63 13.42 -22.95
CA ASP A 278 -6.02 13.13 -22.34
C ASP A 278 -6.62 11.94 -23.02
N GLN A 279 -6.69 11.94 -24.33
CA GLN A 279 -7.28 10.83 -25.04
C GLN A 279 -6.57 9.54 -24.89
N ALA A 280 -5.21 9.54 -24.90
CA ALA A 280 -4.51 8.33 -24.66
C ALA A 280 -4.78 7.90 -23.23
N LEU A 281 -4.70 8.82 -22.30
CA LEU A 281 -4.88 8.42 -20.91
C LEU A 281 -6.26 7.64 -20.73
N VAL A 282 -7.29 8.09 -21.44
CA VAL A 282 -8.60 7.47 -21.27
C VAL A 282 -8.58 6.11 -21.94
N GLU A 283 -8.01 5.96 -23.13
CA GLU A 283 -8.06 4.61 -23.68
C GLU A 283 -7.22 3.69 -22.82
N LEU A 284 -6.06 4.15 -22.34
CA LEU A 284 -5.19 3.32 -21.51
C LEU A 284 -5.87 2.95 -20.21
N ASN A 285 -6.62 3.86 -19.63
CA ASN A 285 -7.31 3.49 -18.35
C ASN A 285 -8.51 2.55 -18.47
N LYS A 286 -9.06 2.55 -19.66
CA LYS A 286 -10.10 1.66 -20.11
C LYS A 286 -9.53 0.28 -20.37
N ALA A 287 -8.32 0.23 -20.96
CA ALA A 287 -7.65 -0.98 -21.25
C ALA A 287 -7.36 -1.68 -19.96
N VAL A 288 -6.86 -0.94 -18.97
CA VAL A 288 -6.57 -1.45 -17.63
C VAL A 288 -7.77 -2.09 -16.91
N LEU A 289 -8.89 -1.33 -16.76
CA LEU A 289 -10.07 -1.91 -16.06
C LEU A 289 -10.56 -3.17 -16.72
N HIS A 290 -10.78 -3.08 -18.02
CA HIS A 290 -11.17 -4.23 -18.86
C HIS A 290 -10.26 -5.40 -18.70
N SER A 291 -8.93 -5.22 -18.75
CA SER A 291 -8.12 -6.41 -18.61
C SER A 291 -8.21 -7.01 -17.23
N TYR A 292 -8.25 -6.22 -16.18
CA TYR A 292 -8.29 -6.81 -14.86
C TYR A 292 -9.70 -7.52 -14.72
N LYS A 293 -10.79 -6.88 -15.13
CA LYS A 293 -12.12 -7.52 -14.99
C LYS A 293 -12.19 -8.75 -15.86
N LYS A 294 -11.56 -8.69 -17.03
CA LYS A 294 -11.54 -9.86 -17.86
C LYS A 294 -10.74 -10.98 -17.20
N GLN A 295 -9.73 -10.63 -16.45
CA GLN A 295 -8.94 -11.73 -15.87
C GLN A 295 -9.47 -12.31 -14.55
N GLY A 296 -10.59 -11.82 -14.04
CA GLY A 296 -11.01 -12.17 -12.68
C GLY A 296 -10.10 -11.59 -11.59
N VAL A 297 -9.50 -10.46 -11.85
CA VAL A 297 -8.76 -9.83 -10.82
C VAL A 297 -9.45 -8.58 -10.41
N SER A 298 -9.50 -8.37 -9.08
CA SER A 298 -10.27 -7.32 -8.43
C SER A 298 -9.67 -6.00 -8.73
N ILE A 299 -10.54 -5.03 -9.06
CA ILE A 299 -10.14 -3.66 -9.36
C ILE A 299 -11.32 -2.70 -9.24
N VAL A 300 -11.06 -1.42 -8.97
CA VAL A 300 -12.14 -0.41 -8.98
C VAL A 300 -11.78 0.77 -9.88
N ASP A 301 -12.80 1.27 -10.60
CA ASP A 301 -12.57 2.47 -11.40
C ASP A 301 -12.69 3.67 -10.45
N HIS A 302 -12.27 4.84 -10.91
CA HIS A 302 -12.16 5.96 -9.94
C HIS A 302 -13.60 6.52 -9.64
N HIS A 303 -14.57 6.24 -10.47
CA HIS A 303 -15.93 6.92 -10.26
C HIS A 303 -16.60 6.21 -9.13
N THR A 304 -16.82 4.90 -9.31
CA THR A 304 -17.16 3.90 -8.29
C THR A 304 -16.43 4.06 -6.96
N ALA A 305 -15.12 4.17 -6.99
CA ALA A 305 -14.32 4.42 -5.80
C ALA A 305 -14.77 5.65 -5.05
N ALA A 306 -14.87 6.78 -5.74
CA ALA A 306 -15.31 8.04 -5.15
C ALA A 306 -16.76 7.96 -4.60
N SER A 307 -17.62 7.15 -5.21
CA SER A 307 -19.10 6.95 -4.66
C SER A 307 -18.89 6.13 -3.46
N GLN A 308 -17.88 5.22 -3.45
CA GLN A 308 -17.70 4.47 -2.21
C GLN A 308 -17.23 5.43 -1.10
N PHE A 309 -16.41 6.39 -1.47
CA PHE A 309 -15.76 7.19 -0.46
C PHE A 309 -16.75 8.18 0.10
N LYS A 310 -17.75 8.49 -0.67
CA LYS A 310 -18.86 9.33 -0.21
C LYS A 310 -19.69 8.59 0.85
N ARG A 311 -19.91 7.31 0.70
CA ARG A 311 -20.56 6.53 1.77
C ARG A 311 -19.78 6.50 3.05
N PHE A 312 -18.43 6.44 2.92
CA PHE A 312 -17.53 6.52 4.02
C PHE A 312 -17.68 7.81 4.79
N GLU A 313 -17.82 8.90 4.04
CA GLU A 313 -18.01 10.20 4.62
C GLU A 313 -19.33 10.22 5.37
N GLU A 314 -20.38 9.64 4.80
CA GLU A 314 -21.77 9.74 5.46
C GLU A 314 -21.68 8.94 6.74
N GLN A 315 -21.04 7.76 6.63
CA GLN A 315 -20.90 6.84 7.74
C GLN A 315 -20.05 7.38 8.90
N ALA A 316 -19.00 8.14 8.62
CA ALA A 316 -18.22 8.73 9.72
C ALA A 316 -19.14 9.61 10.51
N GLU A 317 -19.80 10.50 9.82
CA GLU A 317 -20.60 11.48 10.48
C GLU A 317 -21.80 10.83 11.22
N GLU A 318 -22.50 9.92 10.56
CA GLU A 318 -23.55 9.18 11.22
C GLU A 318 -23.05 8.40 12.47
N ALA A 319 -21.75 8.08 12.52
CA ALA A 319 -21.16 7.40 13.68
C ALA A 319 -20.63 8.41 14.70
N GLY A 320 -20.85 9.70 14.46
CA GLY A 320 -20.30 10.75 15.30
C GLY A 320 -18.79 10.90 15.17
N ARG A 321 -18.18 10.39 14.12
CA ARG A 321 -16.74 10.60 13.97
C ARG A 321 -16.37 11.74 13.00
N LYS A 322 -15.48 12.58 13.46
CA LYS A 322 -14.85 13.58 12.65
C LYS A 322 -14.22 12.93 11.45
N LEU A 323 -14.31 13.55 10.27
CA LEU A 323 -13.62 13.05 9.09
C LEU A 323 -12.32 13.80 8.83
N THR A 324 -11.28 13.06 8.49
CA THR A 324 -10.04 13.66 7.90
C THR A 324 -9.64 13.10 6.51
N GLY A 325 -8.77 13.85 5.80
CA GLY A 325 -8.60 13.66 4.36
C GLY A 325 -7.65 14.67 3.79
N ASP A 326 -6.80 14.23 2.87
CA ASP A 326 -5.86 15.05 2.14
C ASP A 326 -6.40 15.10 0.74
N TRP A 327 -7.04 16.23 0.44
CA TRP A 327 -7.73 16.49 -0.83
C TRP A 327 -6.78 16.21 -1.98
N THR A 328 -5.53 16.66 -1.80
CA THR A 328 -4.58 16.49 -2.89
C THR A 328 -4.29 15.07 -3.30
N TRP A 329 -4.49 14.12 -2.39
CA TRP A 329 -4.38 12.70 -2.71
C TRP A 329 -5.71 12.06 -3.04
N LEU A 330 -6.80 12.45 -2.38
CA LEU A 330 -8.12 11.85 -2.67
C LEU A 330 -8.60 12.04 -4.09
N ILE A 331 -8.36 13.20 -4.67
CA ILE A 331 -8.87 13.41 -6.00
C ILE A 331 -8.16 12.50 -6.98
N PRO A 332 -8.92 11.95 -7.94
CA PRO A 332 -8.18 11.12 -8.84
C PRO A 332 -7.42 11.90 -9.88
N PRO A 333 -6.41 11.28 -10.46
CA PRO A 333 -5.57 12.02 -11.42
C PRO A 333 -6.24 12.05 -12.79
N ILE A 334 -7.45 11.49 -12.96
CA ILE A 334 -8.14 11.85 -14.16
C ILE A 334 -9.56 12.12 -13.85
N SER A 335 -10.14 13.01 -14.65
CA SER A 335 -11.49 13.51 -14.42
C SER A 335 -11.77 13.76 -12.98
N PRO A 336 -10.85 14.42 -12.22
CA PRO A 336 -11.16 14.69 -10.82
C PRO A 336 -12.44 15.54 -10.58
N ALA A 337 -12.77 16.47 -11.46
CA ALA A 337 -13.96 17.31 -11.24
C ALA A 337 -15.28 16.61 -11.46
N ALA A 338 -15.19 15.37 -11.91
CA ALA A 338 -16.37 14.52 -12.08
C ALA A 338 -16.66 13.70 -10.85
N THR A 339 -15.95 14.00 -9.77
CA THR A 339 -16.16 13.32 -8.50
C THR A 339 -16.45 14.40 -7.57
N HIS A 340 -17.21 14.09 -6.55
CA HIS A 340 -17.65 15.04 -5.51
C HIS A 340 -16.51 15.45 -4.59
N ILE A 341 -15.55 14.55 -4.46
CA ILE A 341 -14.34 14.84 -3.72
C ILE A 341 -13.76 16.18 -4.11
N PHE A 342 -13.71 16.42 -5.40
CA PHE A 342 -13.15 17.65 -5.97
C PHE A 342 -13.81 18.93 -5.46
N HIS A 343 -15.13 18.86 -5.29
CA HIS A 343 -15.94 20.02 -4.95
C HIS A 343 -16.16 20.24 -3.49
N ARG A 344 -15.41 19.54 -2.66
CA ARG A 344 -15.45 19.82 -1.28
C ARG A 344 -14.04 19.78 -0.77
N SER A 345 -13.93 20.23 0.48
CA SER A 345 -12.65 20.31 1.19
C SER A 345 -12.61 19.34 2.38
N TYR A 346 -11.39 18.97 2.75
CA TYR A 346 -11.17 17.98 3.77
C TYR A 346 -10.15 18.44 4.76
N ASP A 347 -10.37 18.14 6.03
CA ASP A 347 -9.47 18.46 7.11
C ASP A 347 -8.28 17.48 7.17
N ASN A 348 -7.05 17.97 6.95
CA ASN A 348 -5.90 17.07 6.80
C ASN A 348 -5.13 16.81 8.10
N SER A 349 -5.79 16.80 9.25
CA SER A 349 -5.11 16.48 10.52
C SER A 349 -4.78 15.00 10.68
N ILE A 350 -3.76 14.74 11.49
CA ILE A 350 -3.35 13.40 11.80
C ILE A 350 -4.04 12.91 13.05
N VAL A 351 -4.77 11.82 12.90
CA VAL A 351 -5.39 11.13 14.02
C VAL A 351 -4.71 9.78 14.04
N LYS A 352 -4.31 9.33 15.21
CA LYS A 352 -3.74 7.99 15.37
C LYS A 352 -4.79 7.07 15.96
N PRO A 353 -4.71 5.77 15.66
CA PRO A 353 -3.68 5.03 14.92
C PRO A 353 -3.60 5.37 13.44
N ASN A 354 -2.45 5.03 12.86
CA ASN A 354 -2.17 5.42 11.49
C ASN A 354 -0.90 4.80 10.93
N TYR A 355 -0.78 4.90 9.61
CA TYR A 355 0.37 4.49 8.84
C TYR A 355 1.22 5.73 8.55
N PHE A 356 2.55 5.59 8.59
CA PHE A 356 3.51 6.69 8.42
C PHE A 356 4.69 6.27 7.58
N TYR A 357 5.31 7.25 6.94
CA TYR A 357 6.57 7.00 6.23
C TYR A 357 7.67 6.77 7.20
N GLN A 358 8.72 6.12 6.73
CA GLN A 358 9.97 6.06 7.50
C GLN A 358 11.10 6.07 6.54
N ASP A 359 12.30 6.33 7.07
CA ASP A 359 13.50 6.44 6.24
C ASP A 359 13.76 5.17 5.51
N LYS A 360 14.11 5.29 4.25
CA LYS A 360 14.63 4.18 3.50
C LYS A 360 16.05 3.83 4.04
N PRO A 361 16.38 2.55 4.11
CA PRO A 361 17.73 2.14 4.50
C PRO A 361 18.75 2.02 3.36
N TYR A 362 18.31 1.96 2.11
CA TYR A 362 19.18 2.04 0.92
C TYR A 362 19.06 3.53 0.57
N GLU A 363 19.89 4.06 -0.31
CA GLU A 363 19.98 5.52 -0.47
C GLU A 363 20.73 6.15 0.73
#